data_2EWB
#
_entry.id   2EWB
#
_cell.length_a   128.940
_cell.length_b   128.940
_cell.length_c   119.790
_cell.angle_alpha   90.00
_cell.angle_beta   90.00
_cell.angle_gamma   120.00
#
_symmetry.space_group_name_H-M   'P 63 2 2'
#
loop_
_entity.id
_entity.type
_entity.pdbx_description
1 polymer 'Cytosol aminopeptidase'
2 non-polymer 'ZINC ION'
3 non-polymer 'SODIUM ION'
4 non-polymer 'CARBONATE ION'
5 non-polymer 'L-PROLINE, 1-[(2S)-3-MERCAPTO-2-METHYL-1-OXOPROPYL]-4-(PHENYLTHIO)-, 4S'
6 non-polymer (4S)-2-METHYL-2,4-PENTANEDIOL
7 water water
#
_entity_poly.entity_id   1
_entity_poly.type   'polypeptide(L)'
_entity_poly.pdbx_seq_one_letter_code
;TKGLVLGIYSKEKEEDEPQFTSAGENFNKLVSGKLREILNISGPPLKAGKTRTFYGLHEDFPSVVVVGLGKKTAGIDEQE
NWHEGKENIRAAVAAGCRQIQDLEIPSVEVDPCGDAQAAAEGAVLGLYEYDDLKQKRKVVVSAKLHGSEDQEAWQRGVLF
ASGQNLARRLMETPANEMTPTKFAEIVEENLKSASIKTDVFIRPKSWIEEQEMGSFLSVAKGSEEPPVFLEIHYKGSPNA
SEPPLVFVGKGITFDSGGISIKAAANMDLMRADMGGAATICSAIVSAAKLDLPINIVGLAPLCENMPSGKANKPGDVVRA
RNGKTIQVDNTDAEGRLILADALCYAHTFNPKVIINAATLTGAMDIALGSGATGVFTNSSWLWNKLFEASIETGDRVWRM
PLFEHYTRQVIDCQLADVNNIGKYRSAGACTAAAFLKEFVTHPKWAHLDIAGVMTNKDEVPYLRKGMAGRPTRTLIEFLF
RFSQDS
;
_entity_poly.pdbx_strand_id   A
#
loop_
_chem_comp.id
_chem_comp.type
_chem_comp.name
_chem_comp.formula
CO3 non-polymer 'CARBONATE ION' 'C O3 -2'
MPD non-polymer (4S)-2-METHYL-2,4-PENTANEDIOL 'C6 H14 O2'
NA non-polymer 'SODIUM ION' 'Na 1'
ZED non-polymer 'L-PROLINE, 1-[(2S)-3-MERCAPTO-2-METHYL-1-OXOPROPYL]-4-(PHENYLTHIO)-, 4S' 'C15 H19 N O3 S2'
ZN non-polymer 'ZINC ION' 'Zn 2'
#
# COMPACT_ATOMS: atom_id res chain seq x y z
N THR A 1 -10.36 13.99 -28.41
CA THR A 1 -8.90 14.14 -28.20
C THR A 1 -8.27 12.92 -27.53
N LYS A 2 -7.19 12.44 -28.12
CA LYS A 2 -6.45 11.30 -27.60
C LYS A 2 -4.98 11.66 -27.49
N GLY A 3 -4.41 11.51 -26.30
CA GLY A 3 -3.01 11.84 -26.11
C GLY A 3 -2.12 10.62 -26.24
N LEU A 4 -0.81 10.87 -26.36
CA LEU A 4 0.14 9.78 -26.49
C LEU A 4 1.38 10.06 -25.65
N VAL A 5 1.78 9.07 -24.84
CA VAL A 5 2.95 9.20 -24.01
C VAL A 5 4.01 8.26 -24.59
N LEU A 6 5.14 8.82 -24.99
CA LEU A 6 6.23 8.05 -25.57
C LEU A 6 7.49 8.22 -24.76
N GLY A 7 8.28 7.17 -24.65
CA GLY A 7 9.50 7.27 -23.88
C GLY A 7 10.76 7.40 -24.72
N ILE A 8 11.75 8.06 -24.14
CA ILE A 8 13.04 8.20 -24.79
C ILE A 8 14.06 8.00 -23.67
N TYR A 9 15.12 7.25 -23.97
CA TYR A 9 16.15 6.97 -22.99
C TYR A 9 17.24 8.03 -23.02
N SER A 10 18.09 8.00 -22.01
N SER A 10 18.08 8.01 -22.00
CA SER A 10 19.20 8.93 -21.92
CA SER A 10 19.19 8.94 -21.92
C SER A 10 20.23 8.42 -22.90
C SER A 10 20.23 8.42 -22.91
N LYS A 11 20.90 9.33 -23.60
CA LYS A 11 21.90 8.94 -24.58
C LYS A 11 23.11 8.26 -23.96
N GLU A 12 23.53 7.13 -24.55
CA GLU A 12 24.69 6.41 -24.09
C GLU A 12 25.88 7.05 -24.80
N LYS A 13 27.08 6.90 -24.23
CA LYS A 13 28.27 7.50 -24.84
C LYS A 13 28.50 7.04 -26.28
N GLU A 14 28.22 5.77 -26.56
CA GLU A 14 28.43 5.21 -27.88
C GLU A 14 27.35 5.61 -28.90
N GLU A 15 26.22 6.10 -28.42
CA GLU A 15 25.14 6.49 -29.31
C GLU A 15 25.31 7.94 -29.76
N ASP A 16 24.82 8.25 -30.95
CA ASP A 16 24.92 9.60 -31.50
C ASP A 16 23.76 10.47 -31.02
N GLU A 17 22.69 9.83 -30.56
CA GLU A 17 21.53 10.56 -30.08
C GLU A 17 20.72 9.67 -29.15
N PRO A 18 19.96 10.28 -28.23
CA PRO A 18 19.18 9.45 -27.31
C PRO A 18 18.22 8.57 -28.10
N GLN A 19 18.06 7.32 -27.67
CA GLN A 19 17.19 6.38 -28.36
C GLN A 19 15.76 6.32 -27.84
N PHE A 20 14.81 6.29 -28.78
CA PHE A 20 13.40 6.18 -28.44
C PHE A 20 13.16 4.71 -28.11
N THR A 21 12.03 4.45 -27.47
CA THR A 21 11.63 3.09 -27.17
C THR A 21 11.17 2.62 -28.55
N SER A 22 10.75 1.36 -28.65
N SER A 22 10.75 1.37 -28.66
CA SER A 22 10.28 0.83 -29.92
CA SER A 22 10.29 0.85 -29.95
C SER A 22 9.07 1.63 -30.41
C SER A 22 9.06 1.65 -30.40
N ALA A 23 8.16 1.92 -29.48
CA ALA A 23 6.95 2.67 -29.80
C ALA A 23 7.29 4.09 -30.25
N GLY A 24 8.29 4.68 -29.60
CA GLY A 24 8.68 6.04 -29.95
C GLY A 24 9.27 6.08 -31.35
N GLU A 25 10.18 5.15 -31.64
CA GLU A 25 10.80 5.11 -32.95
C GLU A 25 9.75 4.83 -34.02
N ASN A 26 8.81 3.94 -33.72
CA ASN A 26 7.76 3.61 -34.68
C ASN A 26 6.90 4.84 -34.96
N PHE A 27 6.52 5.57 -33.91
CA PHE A 27 5.70 6.75 -34.09
C PHE A 27 6.48 7.78 -34.91
N ASN A 28 7.76 7.95 -34.58
CA ASN A 28 8.58 8.90 -35.30
C ASN A 28 8.59 8.54 -36.77
N LYS A 29 8.71 7.26 -37.06
CA LYS A 29 8.70 6.77 -38.43
C LYS A 29 7.35 7.12 -39.06
N LEU A 30 6.29 6.92 -38.29
CA LEU A 30 4.94 7.21 -38.76
C LEU A 30 4.77 8.67 -39.15
N VAL A 31 5.43 9.57 -38.42
CA VAL A 31 5.33 10.99 -38.71
C VAL A 31 6.54 11.47 -39.51
N SER A 32 7.10 10.56 -40.30
CA SER A 32 8.23 10.86 -41.17
C SER A 32 9.38 11.60 -40.50
N GLY A 33 9.71 11.19 -39.28
CA GLY A 33 10.82 11.81 -38.57
C GLY A 33 10.55 13.14 -37.89
N LYS A 34 9.30 13.60 -37.92
CA LYS A 34 8.98 14.88 -37.30
C LYS A 34 9.13 14.88 -35.78
N LEU A 35 8.96 13.73 -35.14
CA LEU A 35 9.11 13.67 -33.69
C LEU A 35 10.56 13.94 -33.31
N ARG A 36 11.48 13.22 -33.95
CA ARG A 36 12.89 13.43 -33.66
C ARG A 36 13.28 14.86 -34.00
N GLU A 37 12.80 15.34 -35.14
CA GLU A 37 13.10 16.69 -35.59
C GLU A 37 12.69 17.76 -34.58
N ILE A 38 11.46 17.67 -34.10
CA ILE A 38 10.97 18.66 -33.15
C ILE A 38 11.65 18.51 -31.79
N LEU A 39 11.92 17.27 -31.39
CA LEU A 39 12.59 17.04 -30.12
C LEU A 39 13.96 17.68 -30.18
N ASN A 40 14.66 17.51 -31.31
CA ASN A 40 15.99 18.10 -31.47
C ASN A 40 15.90 19.61 -31.37
N ILE A 41 14.92 20.18 -32.05
CA ILE A 41 14.70 21.63 -32.05
C ILE A 41 14.33 22.17 -30.67
N SER A 42 13.57 21.38 -29.90
CA SER A 42 13.12 21.80 -28.58
C SER A 42 14.23 22.12 -27.58
N GLY A 43 15.43 21.61 -27.82
CA GLY A 43 16.52 21.92 -26.92
C GLY A 43 17.26 20.77 -26.27
N PRO A 44 17.58 20.90 -24.97
CA PRO A 44 18.30 19.88 -24.19
C PRO A 44 17.61 18.54 -24.14
N PRO A 45 18.39 17.46 -24.01
CA PRO A 45 17.80 16.12 -23.95
C PRO A 45 16.91 15.92 -22.72
N LEU A 46 15.97 15.01 -22.83
CA LEU A 46 15.05 14.70 -21.75
C LEU A 46 15.70 13.72 -20.79
N LYS A 47 15.85 14.13 -19.55
CA LYS A 47 16.43 13.27 -18.53
C LYS A 47 15.33 12.47 -17.85
N ALA A 48 15.73 11.48 -17.05
CA ALA A 48 14.77 10.63 -16.36
C ALA A 48 13.67 11.40 -15.64
N GLY A 49 12.43 11.03 -15.92
CA GLY A 49 11.29 11.68 -15.27
C GLY A 49 10.86 13.01 -15.84
N LYS A 50 11.63 13.57 -16.77
CA LYS A 50 11.28 14.85 -17.37
C LYS A 50 10.38 14.62 -18.58
N THR A 51 9.60 15.63 -18.93
CA THR A 51 8.70 15.49 -20.06
C THR A 51 8.69 16.73 -20.94
N ARG A 52 8.27 16.55 -22.18
CA ARG A 52 8.18 17.67 -23.12
C ARG A 52 7.02 17.31 -24.03
N THR A 53 6.19 18.30 -24.32
CA THR A 53 5.00 18.09 -25.15
C THR A 53 5.11 18.70 -26.53
N PHE A 54 4.76 17.89 -27.53
CA PHE A 54 4.79 18.31 -28.91
C PHE A 54 3.38 18.22 -29.48
N TYR A 55 2.93 19.29 -30.11
CA TYR A 55 1.58 19.34 -30.65
C TYR A 55 1.49 19.18 -32.16
N GLY A 56 0.34 18.67 -32.59
CA GLY A 56 0.05 18.49 -34.01
C GLY A 56 0.92 17.57 -34.83
N LEU A 57 1.63 16.64 -34.20
CA LEU A 57 2.49 15.72 -34.95
C LEU A 57 1.68 14.73 -35.78
N HIS A 58 0.52 14.34 -35.28
CA HIS A 58 -0.32 13.39 -35.99
C HIS A 58 -1.79 13.72 -35.72
N GLU A 59 -2.61 13.62 -36.75
CA GLU A 59 -4.03 13.93 -36.63
C GLU A 59 -4.72 13.17 -35.49
N ASP A 60 -4.25 11.96 -35.19
CA ASP A 60 -4.86 11.17 -34.12
C ASP A 60 -4.27 11.47 -32.75
N PHE A 61 -3.14 12.17 -32.73
CA PHE A 61 -2.49 12.52 -31.47
C PHE A 61 -2.06 13.97 -31.48
N PRO A 62 -3.00 14.90 -31.29
CA PRO A 62 -2.71 16.33 -31.27
C PRO A 62 -1.68 16.70 -30.19
N SER A 63 -1.62 15.87 -29.15
CA SER A 63 -0.66 16.10 -28.08
C SER A 63 0.16 14.85 -27.83
N VAL A 64 1.47 14.97 -27.98
CA VAL A 64 2.37 13.85 -27.76
C VAL A 64 3.36 14.29 -26.69
N VAL A 65 3.42 13.53 -25.60
CA VAL A 65 4.32 13.86 -24.52
C VAL A 65 5.44 12.85 -24.48
N VAL A 66 6.67 13.32 -24.70
CA VAL A 66 7.81 12.43 -24.65
C VAL A 66 8.34 12.51 -23.22
N VAL A 67 8.64 11.36 -22.65
CA VAL A 67 9.12 11.33 -21.28
C VAL A 67 10.48 10.65 -21.21
N GLY A 68 11.34 11.18 -20.35
CA GLY A 68 12.67 10.62 -20.19
C GLY A 68 12.63 9.38 -19.33
N LEU A 69 13.18 8.29 -19.85
CA LEU A 69 13.19 7.03 -19.14
C LEU A 69 14.51 6.72 -18.44
N GLY A 70 15.49 7.60 -18.61
CA GLY A 70 16.78 7.37 -17.99
C GLY A 70 17.57 6.34 -18.77
N LYS A 71 18.45 5.63 -18.08
CA LYS A 71 19.29 4.61 -18.72
C LYS A 71 18.46 3.38 -19.10
N LYS A 72 18.50 3.02 -20.38
CA LYS A 72 17.74 1.88 -20.88
C LYS A 72 18.02 0.58 -20.13
N THR A 73 19.29 0.32 -19.83
CA THR A 73 19.66 -0.90 -19.14
C THR A 73 19.66 -0.80 -17.62
N ALA A 74 19.05 0.25 -17.09
CA ALA A 74 19.00 0.42 -15.64
C ALA A 74 18.26 -0.77 -15.04
N GLY A 75 18.95 -1.53 -14.21
CA GLY A 75 18.33 -2.68 -13.58
C GLY A 75 18.30 -2.51 -12.08
N ILE A 76 18.54 -3.60 -11.36
CA ILE A 76 18.54 -3.53 -9.90
C ILE A 76 19.67 -2.64 -9.40
N ASP A 77 19.31 -1.65 -8.59
CA ASP A 77 20.28 -0.72 -8.02
C ASP A 77 20.62 -1.29 -6.64
N GLU A 78 21.84 -1.80 -6.52
CA GLU A 78 22.29 -2.40 -5.26
C GLU A 78 22.25 -1.46 -4.06
N GLN A 79 22.34 -0.16 -4.32
CA GLN A 79 22.33 0.83 -3.25
C GLN A 79 20.93 1.28 -2.87
N GLU A 80 20.00 1.22 -3.83
CA GLU A 80 18.63 1.65 -3.58
C GLU A 80 17.67 0.50 -3.31
N ASN A 81 18.14 -0.73 -3.47
CA ASN A 81 17.28 -1.89 -3.22
C ASN A 81 16.01 -1.93 -4.05
N TRP A 82 16.11 -1.57 -5.32
CA TRP A 82 14.96 -1.62 -6.20
C TRP A 82 15.42 -1.70 -7.64
N HIS A 83 14.49 -2.07 -8.52
CA HIS A 83 14.80 -2.14 -9.93
C HIS A 83 14.64 -0.69 -10.39
N GLU A 84 15.77 -0.05 -10.66
CA GLU A 84 15.77 1.34 -11.08
C GLU A 84 15.02 1.62 -12.37
N GLY A 85 15.16 0.70 -13.33
CA GLY A 85 14.48 0.87 -14.60
C GLY A 85 12.98 0.97 -14.42
N LYS A 86 12.41 0.09 -13.61
CA LYS A 86 10.97 0.10 -13.37
C LYS A 86 10.56 1.41 -12.70
N GLU A 87 11.38 1.87 -11.75
CA GLU A 87 11.08 3.13 -11.06
C GLU A 87 11.14 4.31 -12.02
N ASN A 88 12.09 4.27 -12.96
CA ASN A 88 12.22 5.35 -13.94
C ASN A 88 10.97 5.39 -14.80
N ILE A 89 10.52 4.21 -15.22
CA ILE A 89 9.33 4.11 -16.06
C ILE A 89 8.09 4.61 -15.32
N ARG A 90 7.88 4.13 -14.10
CA ARG A 90 6.72 4.57 -13.33
C ARG A 90 6.68 6.09 -13.23
N ALA A 91 7.80 6.69 -12.87
CA ALA A 91 7.88 8.13 -12.72
C ALA A 91 7.67 8.87 -14.03
N ALA A 92 8.38 8.46 -15.07
CA ALA A 92 8.27 9.10 -16.37
C ALA A 92 6.86 9.05 -16.93
N VAL A 93 6.26 7.87 -16.88
CA VAL A 93 4.90 7.70 -17.40
C VAL A 93 3.90 8.50 -16.58
N ALA A 94 4.05 8.48 -15.26
CA ALA A 94 3.14 9.23 -14.41
C ALA A 94 3.20 10.70 -14.82
N ALA A 95 4.42 11.20 -14.99
CA ALA A 95 4.62 12.59 -15.38
C ALA A 95 3.97 12.86 -16.72
N GLY A 96 4.14 11.95 -17.66
CA GLY A 96 3.55 12.12 -18.98
C GLY A 96 2.04 12.16 -18.91
N CYS A 97 1.44 11.24 -18.16
CA CYS A 97 -0.01 11.20 -18.04
C CYS A 97 -0.57 12.43 -17.34
N ARG A 98 0.15 12.97 -16.37
CA ARG A 98 -0.31 14.16 -15.67
C ARG A 98 -0.33 15.34 -16.65
N GLN A 99 0.63 15.35 -17.57
CA GLN A 99 0.70 16.41 -18.57
C GLN A 99 -0.49 16.31 -19.51
N ILE A 100 -0.81 15.08 -19.92
CA ILE A 100 -1.95 14.87 -20.79
C ILE A 100 -3.22 15.30 -20.08
N GLN A 101 -3.32 14.96 -18.81
CA GLN A 101 -4.50 15.34 -18.03
C GLN A 101 -4.62 16.85 -17.89
N ASP A 102 -3.49 17.54 -17.71
CA ASP A 102 -3.53 18.98 -17.56
C ASP A 102 -4.04 19.64 -18.84
N LEU A 103 -3.82 18.96 -19.97
CA LEU A 103 -4.27 19.46 -21.27
C LEU A 103 -5.75 19.10 -21.44
N GLU A 104 -6.31 18.49 -20.40
CA GLU A 104 -7.71 18.10 -20.38
C GLU A 104 -8.10 17.07 -21.43
N ILE A 105 -7.17 16.20 -21.77
CA ILE A 105 -7.40 15.14 -22.75
C ILE A 105 -7.91 13.93 -21.98
N PRO A 106 -9.10 13.43 -22.34
CA PRO A 106 -9.73 12.28 -21.68
C PRO A 106 -9.17 10.89 -21.95
N SER A 107 -8.39 10.76 -23.03
CA SER A 107 -7.83 9.46 -23.37
C SER A 107 -6.35 9.54 -23.70
N VAL A 108 -5.59 8.58 -23.19
CA VAL A 108 -4.17 8.55 -23.46
C VAL A 108 -3.68 7.15 -23.73
N GLU A 109 -2.81 7.02 -24.73
CA GLU A 109 -2.23 5.73 -25.07
C GLU A 109 -0.83 5.82 -24.50
N VAL A 110 -0.42 4.78 -23.80
CA VAL A 110 0.88 4.78 -23.15
C VAL A 110 1.89 3.77 -23.67
N ASP A 111 3.06 4.30 -24.02
CA ASP A 111 4.19 3.51 -24.50
C ASP A 111 4.50 2.50 -23.40
N PRO A 112 4.63 1.21 -23.75
CA PRO A 112 4.93 0.21 -22.73
C PRO A 112 6.33 0.41 -22.12
N CYS A 113 7.14 1.21 -22.81
CA CYS A 113 8.49 1.53 -22.37
C CYS A 113 9.36 0.34 -21.99
N GLY A 114 9.20 -0.77 -22.70
CA GLY A 114 10.00 -1.95 -22.41
C GLY A 114 9.57 -2.73 -21.18
N ASP A 115 8.57 -2.21 -20.48
CA ASP A 115 8.07 -2.87 -19.27
C ASP A 115 6.64 -2.37 -19.08
N ALA A 116 5.70 -3.01 -19.77
CA ALA A 116 4.30 -2.62 -19.71
C ALA A 116 3.71 -2.55 -18.31
N GLN A 117 4.10 -3.46 -17.42
CA GLN A 117 3.56 -3.40 -16.07
C GLN A 117 3.99 -2.12 -15.38
N ALA A 118 5.28 -1.79 -15.45
CA ALA A 118 5.78 -0.58 -14.82
C ALA A 118 5.11 0.64 -15.45
N ALA A 119 4.94 0.60 -16.77
CA ALA A 119 4.30 1.72 -17.48
C ALA A 119 2.87 1.89 -16.98
N ALA A 120 2.15 0.78 -16.87
CA ALA A 120 0.77 0.82 -16.41
C ALA A 120 0.71 1.35 -14.97
N GLU A 121 1.59 0.87 -14.12
CA GLU A 121 1.60 1.33 -12.74
C GLU A 121 1.84 2.83 -12.69
N GLY A 122 2.77 3.32 -13.50
CA GLY A 122 3.04 4.74 -13.52
C GLY A 122 1.82 5.54 -13.94
N ALA A 123 1.14 5.08 -14.98
CA ALA A 123 -0.04 5.78 -15.46
C ALA A 123 -1.20 5.72 -14.48
N VAL A 124 -1.52 4.53 -13.99
CA VAL A 124 -2.63 4.36 -13.07
C VAL A 124 -2.40 4.96 -11.69
N LEU A 125 -1.21 4.76 -11.14
CA LEU A 125 -0.90 5.33 -9.83
C LEU A 125 -0.74 6.84 -10.00
N GLY A 126 -0.09 7.23 -11.09
CA GLY A 126 0.16 8.64 -11.36
C GLY A 126 -1.07 9.51 -11.55
N LEU A 127 -2.08 8.98 -12.24
CA LEU A 127 -3.30 9.73 -12.50
C LEU A 127 -4.27 9.76 -11.34
N TYR A 128 -4.16 8.80 -10.44
CA TYR A 128 -5.08 8.73 -9.32
C TYR A 128 -5.18 9.98 -8.45
N GLU A 129 -6.42 10.31 -8.11
CA GLU A 129 -6.75 11.42 -7.24
C GLU A 129 -8.07 11.10 -6.59
N TYR A 130 -8.17 11.29 -5.28
CA TYR A 130 -9.43 11.05 -4.61
C TYR A 130 -10.16 12.38 -4.67
N ASP A 131 -11.10 12.50 -5.60
CA ASP A 131 -11.84 13.76 -5.73
C ASP A 131 -13.35 13.57 -5.73
N ASP A 132 -13.81 12.47 -5.16
CA ASP A 132 -15.25 12.17 -5.08
C ASP A 132 -16.06 13.29 -4.42
N LEU A 133 -15.46 13.96 -3.45
CA LEU A 133 -16.17 15.01 -2.71
C LEU A 133 -15.91 16.43 -3.20
N LYS A 134 -15.31 16.56 -4.37
CA LYS A 134 -15.01 17.87 -4.93
C LYS A 134 -15.89 18.21 -6.13
N GLN A 135 -16.33 19.45 -6.19
CA GLN A 135 -17.17 19.91 -7.28
C GLN A 135 -16.28 20.12 -8.50
N LYS A 136 -15.07 20.63 -8.27
CA LYS A 136 -14.12 20.87 -9.34
C LYS A 136 -13.09 19.74 -9.37
N ARG A 137 -13.10 19.00 -10.46
CA ARG A 137 -12.20 17.86 -10.62
C ARG A 137 -11.44 17.94 -11.93
N LYS A 138 -10.31 17.26 -12.00
CA LYS A 138 -9.54 17.23 -13.23
C LYS A 138 -10.30 16.29 -14.16
N VAL A 139 -10.00 16.37 -15.45
CA VAL A 139 -10.66 15.49 -16.41
C VAL A 139 -10.30 14.04 -16.11
N VAL A 140 -11.28 13.16 -16.20
CA VAL A 140 -11.03 11.74 -15.96
C VAL A 140 -10.27 11.22 -17.17
N VAL A 141 -9.07 10.70 -16.94
CA VAL A 141 -8.26 10.19 -18.03
C VAL A 141 -8.26 8.68 -18.11
N SER A 142 -8.58 8.17 -19.30
CA SER A 142 -8.59 6.74 -19.55
C SER A 142 -7.27 6.41 -20.19
N ALA A 143 -6.42 5.68 -19.46
CA ALA A 143 -5.11 5.30 -19.96
C ALA A 143 -5.17 3.87 -20.50
N LYS A 144 -4.63 3.68 -21.70
CA LYS A 144 -4.60 2.37 -22.31
C LYS A 144 -3.25 2.11 -22.91
N LEU A 145 -2.92 0.84 -23.07
CA LEU A 145 -1.65 0.44 -23.64
C LEU A 145 -1.55 0.92 -25.09
N HIS A 146 -0.38 1.44 -25.47
CA HIS A 146 -0.16 1.86 -26.84
C HIS A 146 0.34 0.58 -27.51
N GLY A 147 -0.41 0.07 -28.47
CA GLY A 147 -0.02 -1.16 -29.13
C GLY A 147 -0.78 -2.34 -28.53
N SER A 148 -0.55 -3.54 -29.03
CA SER A 148 -1.27 -4.70 -28.50
C SER A 148 -0.39 -5.91 -28.23
N GLU A 149 0.91 -5.69 -28.06
CA GLU A 149 1.85 -6.79 -27.82
C GLU A 149 2.17 -7.06 -26.35
N ASP A 150 1.94 -6.08 -25.48
CA ASP A 150 2.27 -6.25 -24.07
C ASP A 150 1.03 -6.16 -23.17
N GLN A 151 -0.08 -6.73 -23.64
CA GLN A 151 -1.33 -6.67 -22.91
C GLN A 151 -1.38 -7.26 -21.51
N GLU A 152 -0.90 -8.47 -21.33
CA GLU A 152 -0.96 -9.07 -20.00
C GLU A 152 -0.14 -8.27 -19.00
N ALA A 153 1.07 -7.89 -19.41
CA ALA A 153 1.96 -7.12 -18.54
C ALA A 153 1.31 -5.79 -18.21
N TRP A 154 0.70 -5.15 -19.20
CA TRP A 154 0.04 -3.87 -18.97
C TRP A 154 -1.09 -4.05 -17.97
N GLN A 155 -1.95 -5.04 -18.22
CA GLN A 155 -3.06 -5.28 -17.31
C GLN A 155 -2.59 -5.67 -15.92
N ARG A 156 -1.46 -6.35 -15.84
CA ARG A 156 -0.92 -6.74 -14.54
C ARG A 156 -0.60 -5.45 -13.78
N GLY A 157 -0.03 -4.49 -14.51
CA GLY A 157 0.31 -3.21 -13.91
C GLY A 157 -0.93 -2.47 -13.45
N VAL A 158 -1.97 -2.48 -14.29
CA VAL A 158 -3.21 -1.81 -13.94
C VAL A 158 -3.78 -2.46 -12.67
N LEU A 159 -3.74 -3.79 -12.62
CA LEU A 159 -4.25 -4.52 -11.47
C LEU A 159 -3.50 -4.15 -10.20
N PHE A 160 -2.17 -4.20 -10.25
CA PHE A 160 -1.35 -3.85 -9.09
C PHE A 160 -1.64 -2.42 -8.66
N ALA A 161 -1.62 -1.50 -9.63
CA ALA A 161 -1.88 -0.09 -9.34
C ALA A 161 -3.29 0.14 -8.80
N SER A 162 -4.27 -0.57 -9.35
CA SER A 162 -5.65 -0.44 -8.89
C SER A 162 -5.76 -0.91 -7.44
N GLY A 163 -5.00 -1.94 -7.11
CA GLY A 163 -5.02 -2.44 -5.75
C GLY A 163 -4.52 -1.35 -4.82
N GLN A 164 -3.42 -0.73 -5.20
CA GLN A 164 -2.86 0.35 -4.38
C GLN A 164 -3.83 1.53 -4.33
N ASN A 165 -4.45 1.84 -5.46
CA ASN A 165 -5.38 2.96 -5.50
C ASN A 165 -6.61 2.70 -4.64
N LEU A 166 -6.96 1.43 -4.48
CA LEU A 166 -8.10 1.10 -3.63
C LEU A 166 -7.69 1.44 -2.20
N ALA A 167 -6.48 1.06 -1.84
CA ALA A 167 -5.96 1.35 -0.50
C ALA A 167 -5.91 2.86 -0.30
N ARG A 168 -5.45 3.58 -1.32
CA ARG A 168 -5.37 5.04 -1.23
C ARG A 168 -6.74 5.65 -1.02
N ARG A 169 -7.72 5.17 -1.79
CA ARG A 169 -9.09 5.68 -1.64
C ARG A 169 -9.59 5.44 -0.21
N LEU A 170 -9.45 4.21 0.26
CA LEU A 170 -9.89 3.86 1.61
C LEU A 170 -9.21 4.75 2.65
N MET A 171 -7.92 4.97 2.48
CA MET A 171 -7.17 5.80 3.42
C MET A 171 -7.51 7.28 3.32
N GLU A 172 -7.62 7.79 2.10
CA GLU A 172 -7.91 9.21 1.89
C GLU A 172 -9.31 9.63 2.30
N THR A 173 -10.28 8.77 2.05
CA THR A 173 -11.67 9.08 2.37
C THR A 173 -11.86 9.53 3.82
N PRO A 174 -12.55 10.67 4.03
CA PRO A 174 -12.77 11.16 5.40
C PRO A 174 -13.43 10.09 6.26
N ALA A 175 -13.05 10.06 7.54
CA ALA A 175 -13.57 9.06 8.47
C ALA A 175 -15.08 9.06 8.69
N ASN A 176 -15.76 10.20 8.51
CA ASN A 176 -17.20 10.21 8.72
C ASN A 176 -17.91 9.44 7.61
N GLU A 177 -17.18 9.21 6.52
CA GLU A 177 -17.71 8.44 5.40
C GLU A 177 -17.11 7.04 5.52
N MET A 178 -15.79 6.97 5.67
CA MET A 178 -15.09 5.70 5.77
C MET A 178 -15.09 5.16 7.20
N THR A 179 -16.28 4.75 7.65
CA THR A 179 -16.46 4.20 8.97
C THR A 179 -16.08 2.73 8.93
N PRO A 180 -16.03 2.07 10.10
CA PRO A 180 -15.67 0.66 10.11
C PRO A 180 -16.62 -0.12 9.19
N THR A 181 -17.91 0.15 9.32
CA THR A 181 -18.93 -0.50 8.51
C THR A 181 -18.74 -0.23 7.02
N LYS A 182 -18.55 1.03 6.66
CA LYS A 182 -18.36 1.39 5.26
C LYS A 182 -17.09 0.74 4.71
N PHE A 183 -16.00 0.82 5.47
CA PHE A 183 -14.76 0.21 5.02
C PHE A 183 -15.01 -1.27 4.72
N ALA A 184 -15.66 -1.96 5.66
CA ALA A 184 -15.94 -3.38 5.49
C ALA A 184 -16.78 -3.64 4.24
N GLU A 185 -17.80 -2.80 4.02
CA GLU A 185 -18.68 -2.98 2.87
C GLU A 185 -17.95 -2.73 1.54
N ILE A 186 -17.04 -1.75 1.52
CA ILE A 186 -16.30 -1.47 0.29
C ILE A 186 -15.34 -2.61 0.01
N VAL A 187 -14.64 -3.09 1.04
CA VAL A 187 -13.72 -4.20 0.83
C VAL A 187 -14.51 -5.41 0.37
N GLU A 188 -15.66 -5.63 1.00
CA GLU A 188 -16.50 -6.77 0.63
C GLU A 188 -16.89 -6.75 -0.85
N GLU A 189 -17.42 -5.63 -1.33
CA GLU A 189 -17.83 -5.55 -2.73
C GLU A 189 -16.65 -5.70 -3.68
N ASN A 190 -15.49 -5.19 -3.28
CA ASN A 190 -14.31 -5.28 -4.13
C ASN A 190 -13.78 -6.71 -4.19
N LEU A 191 -13.74 -7.37 -3.04
CA LEU A 191 -13.26 -8.74 -3.00
C LEU A 191 -14.20 -9.66 -3.77
N LYS A 192 -15.51 -9.47 -3.57
CA LYS A 192 -16.50 -10.29 -4.25
C LYS A 192 -16.52 -10.07 -5.75
N SER A 193 -16.15 -8.86 -6.17
N SER A 193 -16.15 -8.86 -6.17
CA SER A 193 -16.11 -8.54 -7.59
CA SER A 193 -16.11 -8.53 -7.59
C SER A 193 -14.85 -9.15 -8.18
C SER A 193 -14.85 -9.16 -8.18
N ALA A 194 -13.85 -9.37 -7.32
CA ALA A 194 -12.59 -9.96 -7.75
C ALA A 194 -12.68 -11.47 -7.95
N SER A 195 -13.50 -12.13 -7.15
N SER A 195 -13.48 -12.14 -7.14
CA SER A 195 -13.67 -13.58 -7.27
CA SER A 195 -13.63 -13.59 -7.22
C SER A 195 -14.82 -14.06 -6.41
C SER A 195 -14.81 -14.08 -6.38
N ILE A 196 -15.46 -15.15 -6.85
CA ILE A 196 -16.58 -15.70 -6.10
C ILE A 196 -16.07 -16.73 -5.10
N LYS A 197 -14.78 -17.06 -5.20
CA LYS A 197 -14.14 -18.02 -4.30
C LYS A 197 -13.79 -17.26 -3.02
N THR A 198 -14.77 -16.51 -2.53
CA THR A 198 -14.55 -15.70 -1.35
C THR A 198 -15.69 -15.75 -0.36
N ASP A 199 -15.37 -15.35 0.87
CA ASP A 199 -16.34 -15.28 1.96
C ASP A 199 -15.95 -14.03 2.71
N VAL A 200 -16.93 -13.23 3.09
CA VAL A 200 -16.67 -12.02 3.85
C VAL A 200 -17.59 -12.00 5.04
N PHE A 201 -17.02 -11.77 6.21
CA PHE A 201 -17.80 -11.71 7.43
C PHE A 201 -17.54 -10.38 8.11
N ILE A 202 -18.56 -9.52 8.14
CA ILE A 202 -18.43 -8.23 8.80
C ILE A 202 -18.93 -8.49 10.21
N ARG A 203 -18.03 -9.03 11.04
CA ARG A 203 -18.33 -9.38 12.42
C ARG A 203 -18.75 -8.19 13.26
N PRO A 204 -19.95 -8.26 13.85
CA PRO A 204 -20.49 -7.19 14.70
C PRO A 204 -19.89 -7.23 16.10
N LYS A 205 -20.21 -6.21 16.88
CA LYS A 205 -19.71 -6.10 18.24
C LYS A 205 -20.02 -7.36 19.07
N SER A 206 -21.21 -7.93 18.88
CA SER A 206 -21.59 -9.12 19.62
C SER A 206 -20.62 -10.27 19.40
N TRP A 207 -20.14 -10.40 18.16
CA TRP A 207 -19.19 -11.45 17.82
C TRP A 207 -17.86 -11.13 18.48
N ILE A 208 -17.45 -9.88 18.42
CA ILE A 208 -16.20 -9.44 19.02
C ILE A 208 -16.21 -9.74 20.52
N GLU A 209 -17.35 -9.50 21.15
CA GLU A 209 -17.49 -9.76 22.58
C GLU A 209 -17.43 -11.27 22.81
N GLU A 210 -18.07 -12.02 21.93
CA GLU A 210 -18.09 -13.48 22.02
C GLU A 210 -16.65 -14.01 21.92
N GLN A 211 -15.86 -13.37 21.07
CA GLN A 211 -14.47 -13.76 20.86
C GLN A 211 -13.54 -13.26 21.97
N GLU A 212 -14.13 -12.65 22.99
CA GLU A 212 -13.38 -12.13 24.14
C GLU A 212 -12.24 -11.19 23.75
N MET A 213 -12.47 -10.37 22.73
CA MET A 213 -11.47 -9.41 22.28
C MET A 213 -11.60 -8.15 23.11
N GLY A 214 -11.28 -8.27 24.40
CA GLY A 214 -11.39 -7.13 25.30
C GLY A 214 -10.47 -5.98 24.98
N SER A 215 -9.31 -6.27 24.40
CA SER A 215 -8.36 -5.22 24.04
C SER A 215 -8.96 -4.37 22.92
N PHE A 216 -9.41 -5.03 21.86
CA PHE A 216 -10.02 -4.34 20.74
C PHE A 216 -11.25 -3.56 21.21
N LEU A 217 -12.12 -4.23 21.98
CA LEU A 217 -13.32 -3.58 22.49
C LEU A 217 -13.03 -2.33 23.32
N SER A 218 -11.95 -2.37 24.10
CA SER A 218 -11.61 -1.23 24.95
C SER A 218 -11.36 0.01 24.11
N VAL A 219 -10.74 -0.16 22.96
CA VAL A 219 -10.45 0.96 22.07
C VAL A 219 -11.73 1.50 21.45
N ALA A 220 -12.56 0.59 20.93
CA ALA A 220 -13.79 0.97 20.25
C ALA A 220 -14.87 1.65 21.06
N LYS A 221 -15.02 1.25 22.32
CA LYS A 221 -16.08 1.78 23.17
C LYS A 221 -16.18 3.29 23.36
N GLY A 222 -15.06 4.00 23.23
CA GLY A 222 -15.08 5.43 23.41
C GLY A 222 -15.93 6.15 22.38
N SER A 223 -16.04 5.55 21.21
CA SER A 223 -16.81 6.14 20.12
C SER A 223 -18.19 5.55 19.97
N GLU A 224 -19.10 6.34 19.39
CA GLU A 224 -20.46 5.88 19.15
C GLU A 224 -20.53 5.09 17.85
N GLU A 225 -19.45 5.15 17.07
CA GLU A 225 -19.41 4.43 15.80
C GLU A 225 -19.20 2.94 16.08
N PRO A 226 -20.14 2.10 15.63
CA PRO A 226 -20.03 0.65 15.83
C PRO A 226 -18.74 0.05 15.29
N PRO A 227 -18.11 -0.82 16.08
CA PRO A 227 -16.87 -1.45 15.62
C PRO A 227 -17.25 -2.71 14.85
N VAL A 228 -16.36 -3.15 13.97
CA VAL A 228 -16.62 -4.38 13.23
C VAL A 228 -15.28 -5.09 13.10
N PHE A 229 -15.32 -6.41 13.03
CA PHE A 229 -14.09 -7.15 12.84
C PHE A 229 -14.25 -7.77 11.47
N LEU A 230 -13.59 -7.18 10.49
CA LEU A 230 -13.67 -7.68 9.14
C LEU A 230 -12.85 -8.94 8.95
N GLU A 231 -13.51 -9.99 8.46
CA GLU A 231 -12.84 -11.25 8.21
C GLU A 231 -13.14 -11.62 6.78
N ILE A 232 -12.10 -11.69 5.95
CA ILE A 232 -12.28 -12.04 4.56
C ILE A 232 -11.50 -13.29 4.22
N HIS A 233 -12.11 -14.14 3.41
CA HIS A 233 -11.48 -15.38 2.98
C HIS A 233 -11.40 -15.41 1.46
N TYR A 234 -10.22 -15.75 0.95
CA TYR A 234 -10.03 -15.91 -0.47
C TYR A 234 -9.55 -17.35 -0.59
N LYS A 235 -10.40 -18.21 -1.17
CA LYS A 235 -10.08 -19.62 -1.32
C LYS A 235 -9.51 -19.93 -2.68
N GLY A 236 -8.27 -19.49 -2.92
CA GLY A 236 -7.63 -19.71 -4.20
C GLY A 236 -6.88 -21.01 -4.37
N SER A 237 -6.50 -21.66 -3.27
CA SER A 237 -5.78 -22.91 -3.36
C SER A 237 -6.64 -24.04 -3.92
N PRO A 238 -6.03 -24.90 -4.77
CA PRO A 238 -6.77 -26.02 -5.35
C PRO A 238 -7.26 -26.92 -4.21
N ASN A 239 -6.52 -26.90 -3.11
CA ASN A 239 -6.85 -27.69 -1.93
C ASN A 239 -7.48 -26.81 -0.87
N ALA A 240 -8.76 -27.01 -0.62
CA ALA A 240 -9.50 -26.23 0.37
C ALA A 240 -8.92 -26.31 1.78
N SER A 241 -8.24 -27.41 2.09
N SER A 241 -8.24 -27.40 2.08
CA SER A 241 -7.64 -27.59 3.41
CA SER A 241 -7.65 -27.59 3.40
C SER A 241 -6.25 -26.99 3.50
C SER A 241 -6.24 -27.00 3.50
N GLU A 242 -5.73 -26.48 2.39
CA GLU A 242 -4.41 -25.89 2.37
C GLU A 242 -4.36 -24.74 3.37
N PRO A 243 -3.41 -24.79 4.34
CA PRO A 243 -3.31 -23.72 5.33
C PRO A 243 -3.23 -22.37 4.63
N PRO A 244 -3.98 -21.38 5.13
CA PRO A 244 -3.95 -20.06 4.49
C PRO A 244 -2.85 -19.14 5.01
N LEU A 245 -2.57 -18.10 4.24
CA LEU A 245 -1.63 -17.09 4.68
C LEU A 245 -2.59 -16.12 5.32
N VAL A 246 -2.24 -15.58 6.48
CA VAL A 246 -3.14 -14.66 7.16
C VAL A 246 -2.56 -13.25 7.21
N PHE A 247 -3.37 -12.29 6.79
CA PHE A 247 -2.99 -10.88 6.82
C PHE A 247 -3.85 -10.20 7.87
N VAL A 248 -3.25 -9.32 8.65
CA VAL A 248 -3.95 -8.60 9.69
C VAL A 248 -3.66 -7.12 9.49
N GLY A 249 -4.68 -6.27 9.62
CA GLY A 249 -4.44 -4.85 9.42
C GLY A 249 -5.11 -3.99 10.48
N LYS A 250 -4.37 -2.99 10.96
CA LYS A 250 -4.90 -2.07 11.96
C LYS A 250 -5.95 -1.21 11.26
N GLY A 251 -7.18 -1.29 11.71
CA GLY A 251 -8.24 -0.52 11.08
C GLY A 251 -8.86 0.59 11.91
N ILE A 252 -8.05 1.50 12.41
CA ILE A 252 -8.59 2.62 13.18
C ILE A 252 -9.05 3.63 12.13
N THR A 253 -10.35 3.68 11.88
CA THR A 253 -10.92 4.57 10.87
C THR A 253 -10.64 6.03 11.16
N PHE A 254 -10.51 6.34 12.44
CA PHE A 254 -10.11 7.67 12.86
C PHE A 254 -9.53 7.60 14.26
N ASP A 255 -8.36 8.22 14.42
CA ASP A 255 -7.70 8.20 15.70
C ASP A 255 -7.49 9.61 16.26
N SER A 256 -8.24 9.93 17.30
CA SER A 256 -8.12 11.23 17.95
C SER A 256 -7.13 11.07 19.11
N GLY A 257 -6.73 9.82 19.34
CA GLY A 257 -5.82 9.52 20.43
C GLY A 257 -6.62 9.08 21.65
N GLY A 258 -7.90 9.47 21.68
CA GLY A 258 -8.74 9.12 22.81
C GLY A 258 -8.45 10.05 23.97
N ILE A 259 -8.57 9.57 25.20
CA ILE A 259 -8.30 10.40 26.38
C ILE A 259 -6.87 10.95 26.32
N SER A 260 -5.95 10.15 25.78
CA SER A 260 -4.55 10.60 25.59
C SER A 260 -4.63 11.28 24.24
N ILE A 261 -5.47 12.31 24.18
CA ILE A 261 -5.75 13.05 22.95
C ILE A 261 -4.57 13.63 22.18
N LYS A 262 -4.65 13.54 20.85
CA LYS A 262 -3.61 14.04 19.97
C LYS A 262 -3.68 15.56 19.85
N ALA A 263 -2.59 16.14 19.37
CA ALA A 263 -2.51 17.57 19.14
C ALA A 263 -3.38 17.83 17.91
N ALA A 264 -3.87 19.06 17.76
CA ALA A 264 -4.75 19.39 16.64
C ALA A 264 -4.04 19.37 15.29
N ALA A 265 -2.81 19.84 15.25
CA ALA A 265 -2.05 19.91 14.01
C ALA A 265 -2.01 18.62 13.21
N ASN A 266 -2.53 18.69 11.98
CA ASN A 266 -2.57 17.57 11.05
C ASN A 266 -3.24 16.31 11.56
N MET A 267 -4.12 16.45 12.55
CA MET A 267 -4.79 15.26 13.06
C MET A 267 -5.71 14.68 12.00
N ASP A 268 -6.08 15.48 11.01
CA ASP A 268 -6.97 15.01 9.94
C ASP A 268 -6.38 13.80 9.24
N LEU A 269 -5.05 13.71 9.22
CA LEU A 269 -4.38 12.59 8.58
C LEU A 269 -4.68 11.27 9.27
N MET A 270 -5.15 11.33 10.50
CA MET A 270 -5.46 10.11 11.25
C MET A 270 -6.67 9.38 10.68
N ARG A 271 -7.26 9.93 9.62
CA ARG A 271 -8.38 9.26 8.97
C ARG A 271 -7.75 8.08 8.23
N ALA A 272 -6.43 8.09 8.12
CA ALA A 272 -5.71 7.03 7.42
C ALA A 272 -5.06 6.06 8.40
N ASP A 273 -5.49 6.11 9.66
CA ASP A 273 -4.94 5.22 10.68
C ASP A 273 -5.49 3.82 10.49
N MET A 274 -6.21 3.63 9.39
CA MET A 274 -6.76 2.33 9.02
C MET A 274 -6.01 1.86 7.78
N GLY A 275 -4.87 2.49 7.52
CA GLY A 275 -4.06 2.16 6.36
C GLY A 275 -3.59 0.72 6.38
N GLY A 276 -3.35 0.19 7.58
CA GLY A 276 -2.91 -1.18 7.71
C GLY A 276 -3.98 -2.10 7.15
N ALA A 277 -5.23 -1.85 7.53
CA ALA A 277 -6.35 -2.65 7.06
C ALA A 277 -6.51 -2.42 5.56
N ALA A 278 -6.38 -1.18 5.14
CA ALA A 278 -6.54 -0.84 3.73
C ALA A 278 -5.55 -1.57 2.83
N THR A 279 -4.28 -1.56 3.21
CA THR A 279 -3.27 -2.21 2.40
C THR A 279 -3.39 -3.73 2.34
N ILE A 280 -3.61 -4.38 3.48
CA ILE A 280 -3.72 -5.83 3.46
C ILE A 280 -5.01 -6.29 2.78
N CYS A 281 -6.11 -5.55 2.99
CA CYS A 281 -7.35 -5.94 2.34
C CYS A 281 -7.26 -5.73 0.84
N SER A 282 -6.65 -4.61 0.44
CA SER A 282 -6.49 -4.33 -0.99
C SER A 282 -5.58 -5.36 -1.64
N ALA A 283 -4.54 -5.77 -0.92
CA ALA A 283 -3.62 -6.77 -1.46
C ALA A 283 -4.34 -8.09 -1.70
N ILE A 284 -5.26 -8.42 -0.80
CA ILE A 284 -6.02 -9.67 -0.92
C ILE A 284 -6.99 -9.54 -2.09
N VAL A 285 -7.61 -8.38 -2.23
CA VAL A 285 -8.53 -8.17 -3.34
C VAL A 285 -7.76 -8.39 -4.65
N SER A 286 -6.57 -7.81 -4.73
CA SER A 286 -5.73 -7.95 -5.91
C SER A 286 -5.26 -9.39 -6.11
N ALA A 287 -4.98 -10.08 -5.01
CA ALA A 287 -4.55 -11.48 -5.11
C ALA A 287 -5.70 -12.27 -5.73
N ALA A 288 -6.92 -11.94 -5.33
CA ALA A 288 -8.11 -12.59 -5.86
C ALA A 288 -8.26 -12.29 -7.35
N LYS A 289 -8.01 -11.04 -7.73
CA LYS A 289 -8.13 -10.65 -9.13
C LYS A 289 -7.06 -11.36 -9.96
N LEU A 290 -5.94 -11.67 -9.34
CA LEU A 290 -4.85 -12.37 -10.01
C LEU A 290 -5.13 -13.87 -9.99
N ASP A 291 -6.17 -14.24 -9.24
N ASP A 291 -6.17 -14.26 -9.27
CA ASP A 291 -6.58 -15.62 -9.09
CA ASP A 291 -6.55 -15.67 -9.18
C ASP A 291 -5.43 -16.49 -8.61
C ASP A 291 -5.38 -16.50 -8.64
N LEU A 292 -4.63 -15.95 -7.70
CA LEU A 292 -3.50 -16.68 -7.14
C LEU A 292 -3.99 -17.98 -6.53
N PRO A 293 -3.28 -19.08 -6.79
CA PRO A 293 -3.63 -20.41 -6.27
C PRO A 293 -3.27 -20.63 -4.81
N ILE A 294 -3.71 -19.74 -3.95
CA ILE A 294 -3.43 -19.86 -2.52
C ILE A 294 -4.61 -19.42 -1.67
N ASN A 295 -4.68 -19.94 -0.46
CA ASN A 295 -5.74 -19.56 0.46
C ASN A 295 -5.22 -18.40 1.29
N ILE A 296 -6.02 -17.35 1.37
CA ILE A 296 -5.63 -16.18 2.14
C ILE A 296 -6.77 -15.71 3.03
N VAL A 297 -6.44 -15.35 4.26
CA VAL A 297 -7.43 -14.83 5.18
C VAL A 297 -7.01 -13.42 5.55
N GLY A 298 -7.95 -12.50 5.55
CA GLY A 298 -7.65 -11.12 5.90
C GLY A 298 -8.43 -10.79 7.16
N LEU A 299 -7.75 -10.20 8.14
CA LEU A 299 -8.40 -9.84 9.39
C LEU A 299 -8.17 -8.37 9.65
N ALA A 300 -9.25 -7.64 9.88
CA ALA A 300 -9.12 -6.22 10.12
C ALA A 300 -10.04 -5.70 11.21
N PRO A 301 -9.51 -5.50 12.42
CA PRO A 301 -10.37 -4.98 13.49
C PRO A 301 -10.54 -3.50 13.13
N LEU A 302 -11.80 -3.07 13.04
CA LEU A 302 -12.09 -1.69 12.66
C LEU A 302 -12.91 -0.93 13.68
N CYS A 303 -12.44 0.26 14.06
CA CYS A 303 -13.16 1.09 15.01
C CYS A 303 -12.51 2.46 15.05
N GLU A 304 -13.12 3.38 15.78
CA GLU A 304 -12.57 4.71 15.93
C GLU A 304 -11.98 4.77 17.33
N ASN A 305 -11.08 5.70 17.55
CA ASN A 305 -10.49 5.89 18.87
C ASN A 305 -10.90 7.31 19.22
N MET A 306 -11.92 7.43 20.06
CA MET A 306 -12.46 8.73 20.44
C MET A 306 -12.54 8.93 21.94
N PRO A 307 -12.50 10.19 22.38
CA PRO A 307 -12.58 10.53 23.80
C PRO A 307 -14.06 10.67 24.15
N SER A 308 -14.46 10.18 25.31
CA SER A 308 -15.86 10.29 25.70
C SER A 308 -16.00 9.83 27.14
N GLY A 309 -17.25 9.80 27.60
CA GLY A 309 -17.53 9.39 28.96
C GLY A 309 -17.36 7.91 29.21
N LYS A 310 -17.08 7.14 28.16
CA LYS A 310 -16.89 5.70 28.32
C LYS A 310 -15.64 5.20 27.62
N ALA A 311 -14.78 6.12 27.24
CA ALA A 311 -13.55 5.77 26.54
C ALA A 311 -12.48 5.16 27.43
N ASN A 312 -11.52 4.51 26.79
CA ASN A 312 -10.38 3.90 27.47
C ASN A 312 -9.76 4.98 28.36
N LYS A 313 -9.39 4.62 29.58
CA LYS A 313 -8.76 5.59 30.50
C LYS A 313 -7.33 5.13 30.76
N PRO A 314 -6.37 6.07 30.71
CA PRO A 314 -4.97 5.69 30.98
C PRO A 314 -4.89 4.91 32.29
N GLY A 315 -4.14 3.82 32.27
CA GLY A 315 -4.02 3.00 33.47
C GLY A 315 -4.98 1.82 33.47
N ASP A 316 -6.03 1.89 32.65
CA ASP A 316 -6.98 0.79 32.58
C ASP A 316 -6.27 -0.48 32.16
N VAL A 317 -6.74 -1.61 32.69
CA VAL A 317 -6.16 -2.89 32.35
C VAL A 317 -7.23 -3.67 31.59
N VAL A 318 -6.89 -4.11 30.39
CA VAL A 318 -7.84 -4.87 29.57
C VAL A 318 -7.26 -6.25 29.31
N ARG A 319 -8.14 -7.20 29.03
CA ARG A 319 -7.74 -8.58 28.78
C ARG A 319 -7.85 -8.95 27.32
N ALA A 320 -6.73 -9.34 26.72
CA ALA A 320 -6.72 -9.74 25.33
C ALA A 320 -7.37 -11.11 25.20
N ARG A 321 -7.69 -11.48 23.96
CA ARG A 321 -8.31 -12.76 23.66
C ARG A 321 -7.53 -13.93 24.24
N ASN A 322 -6.20 -13.82 24.24
CA ASN A 322 -5.36 -14.90 24.76
C ASN A 322 -5.23 -14.89 26.28
N GLY A 323 -5.99 -14.04 26.95
CA GLY A 323 -5.97 -13.98 28.39
C GLY A 323 -4.91 -13.07 29.00
N LYS A 324 -4.03 -12.55 28.16
CA LYS A 324 -2.98 -11.67 28.63
C LYS A 324 -3.57 -10.30 28.98
N THR A 325 -3.14 -9.73 30.10
CA THR A 325 -3.65 -8.43 30.51
C THR A 325 -2.73 -7.34 29.98
N ILE A 326 -3.34 -6.21 29.62
CA ILE A 326 -2.61 -5.09 29.05
C ILE A 326 -2.91 -3.82 29.82
N GLN A 327 -1.85 -3.11 30.24
CA GLN A 327 -2.04 -1.85 30.93
C GLN A 327 -2.04 -0.78 29.85
N VAL A 328 -3.15 -0.09 29.71
CA VAL A 328 -3.29 0.95 28.70
C VAL A 328 -2.84 2.28 29.31
N ASP A 329 -1.53 2.51 29.33
CA ASP A 329 -0.98 3.74 29.87
C ASP A 329 -1.22 4.92 28.96
N ASN A 330 -1.32 4.65 27.65
CA ASN A 330 -1.56 5.70 26.69
C ASN A 330 -2.62 5.20 25.71
N THR A 331 -3.79 5.83 25.75
CA THR A 331 -4.89 5.42 24.90
C THR A 331 -4.66 5.68 23.42
N ASP A 332 -3.58 6.41 23.11
CA ASP A 332 -3.27 6.72 21.72
C ASP A 332 -2.38 5.63 21.13
N ALA A 333 -2.02 4.65 21.95
CA ALA A 333 -1.24 3.51 21.48
C ALA A 333 -2.32 2.43 21.37
N GLU A 334 -3.36 2.75 20.61
CA GLU A 334 -4.50 1.86 20.45
C GLU A 334 -4.38 0.81 19.35
N GLY A 335 -3.54 1.08 18.37
CA GLY A 335 -3.37 0.14 17.28
C GLY A 335 -2.85 -1.20 17.76
N ARG A 336 -1.90 -1.19 18.68
CA ARG A 336 -1.35 -2.43 19.18
C ARG A 336 -2.40 -3.16 20.03
N LEU A 337 -3.33 -2.40 20.61
CA LEU A 337 -4.38 -3.00 21.42
C LEU A 337 -5.33 -3.81 20.55
N ILE A 338 -5.79 -3.23 19.45
CA ILE A 338 -6.72 -3.97 18.60
C ILE A 338 -5.99 -5.08 17.85
N LEU A 339 -4.72 -4.87 17.55
CA LEU A 339 -3.93 -5.89 16.86
C LEU A 339 -3.65 -7.10 17.74
N ALA A 340 -3.57 -6.88 19.04
CA ALA A 340 -3.30 -7.96 19.98
C ALA A 340 -4.38 -9.03 19.81
N ASP A 341 -5.63 -8.58 19.78
CA ASP A 341 -6.75 -9.50 19.62
C ASP A 341 -6.83 -10.10 18.23
N ALA A 342 -6.55 -9.28 17.21
CA ALA A 342 -6.59 -9.77 15.83
C ALA A 342 -5.47 -10.77 15.58
N LEU A 343 -4.29 -10.52 16.12
CA LEU A 343 -3.17 -11.43 15.96
C LEU A 343 -3.46 -12.76 16.67
N CYS A 344 -4.11 -12.69 17.82
CA CYS A 344 -4.46 -13.89 18.56
C CYS A 344 -5.40 -14.72 17.69
N TYR A 345 -6.42 -14.06 17.16
CA TYR A 345 -7.40 -14.71 16.30
C TYR A 345 -6.76 -15.33 15.06
N ALA A 346 -5.75 -14.64 14.53
CA ALA A 346 -5.05 -15.11 13.33
C ALA A 346 -4.48 -16.52 13.50
N HIS A 347 -4.09 -16.88 14.72
CA HIS A 347 -3.52 -18.19 14.98
C HIS A 347 -4.54 -19.33 14.84
N THR A 348 -5.83 -19.02 15.02
CA THR A 348 -6.86 -20.06 14.92
C THR A 348 -7.00 -20.64 13.51
N PHE A 349 -6.39 -19.97 12.53
CA PHE A 349 -6.47 -20.44 11.15
C PHE A 349 -5.30 -21.33 10.78
N ASN A 350 -4.45 -21.61 11.76
CA ASN A 350 -3.25 -22.42 11.53
C ASN A 350 -2.60 -21.95 10.23
N PRO A 351 -2.33 -20.65 10.13
CA PRO A 351 -1.72 -20.06 8.94
C PRO A 351 -0.28 -20.47 8.65
N LYS A 352 0.10 -20.36 7.39
CA LYS A 352 1.46 -20.67 6.96
C LYS A 352 2.33 -19.49 7.38
N VAL A 353 1.74 -18.30 7.32
CA VAL A 353 2.43 -17.09 7.70
C VAL A 353 1.39 -16.10 8.22
N ILE A 354 1.85 -15.16 9.02
CA ILE A 354 0.98 -14.12 9.54
C ILE A 354 1.69 -12.81 9.27
N ILE A 355 1.05 -11.94 8.50
CA ILE A 355 1.65 -10.65 8.21
C ILE A 355 0.65 -9.58 8.58
N ASN A 356 1.05 -8.65 9.45
CA ASN A 356 0.14 -7.58 9.82
C ASN A 356 0.75 -6.28 9.34
N ALA A 357 -0.11 -5.31 9.07
CA ALA A 357 0.32 -4.01 8.61
C ALA A 357 -0.40 -3.00 9.48
N ALA A 358 0.27 -1.92 9.82
CA ALA A 358 -0.33 -0.91 10.65
C ALA A 358 0.42 0.41 10.60
N THR A 359 -0.34 1.50 10.65
CA THR A 359 0.23 2.84 10.71
C THR A 359 0.42 2.91 12.22
N LEU A 360 1.36 2.12 12.71
CA LEU A 360 1.58 1.98 14.13
C LEU A 360 2.30 3.02 14.95
N THR A 361 3.41 3.57 14.46
CA THR A 361 4.14 4.52 15.29
C THR A 361 4.72 5.71 14.57
N GLY A 362 4.73 6.85 15.26
CA GLY A 362 5.31 8.05 14.68
C GLY A 362 6.81 7.79 14.69
N ALA A 363 7.23 6.92 15.60
CA ALA A 363 8.65 6.58 15.71
C ALA A 363 9.15 5.97 14.41
N MET A 364 8.30 5.21 13.73
CA MET A 364 8.69 4.60 12.47
C MET A 364 8.94 5.69 11.44
N ASP A 365 8.11 6.73 11.48
CA ASP A 365 8.25 7.85 10.55
C ASP A 365 9.56 8.57 10.85
N ILE A 366 9.85 8.78 12.13
N ILE A 366 9.85 8.78 12.13
CA ILE A 366 11.08 9.44 12.52
CA ILE A 366 11.08 9.44 12.54
C ILE A 366 12.28 8.57 12.15
C ILE A 366 12.27 8.58 12.14
N ALA A 367 12.07 7.26 12.15
CA ALA A 367 13.13 6.32 11.82
C ALA A 367 13.47 6.25 10.33
N LEU A 368 12.49 5.97 9.49
CA LEU A 368 12.74 5.85 8.06
C LEU A 368 11.88 6.74 7.17
N GLY A 369 10.95 7.48 7.77
CA GLY A 369 10.10 8.35 6.97
C GLY A 369 9.36 7.55 5.90
N SER A 370 9.25 8.11 4.71
CA SER A 370 8.54 7.43 3.63
C SER A 370 9.50 6.67 2.71
N GLY A 371 10.76 6.55 3.14
CA GLY A 371 11.73 5.84 2.34
C GLY A 371 11.39 4.37 2.22
N ALA A 372 10.92 3.77 3.31
CA ALA A 372 10.58 2.37 3.29
C ALA A 372 9.71 1.97 4.45
N THR A 373 8.94 0.90 4.26
CA THR A 373 8.09 0.36 5.31
C THR A 373 8.99 -0.43 6.25
N GLY A 374 8.81 -0.25 7.54
CA GLY A 374 9.62 -0.98 8.50
C GLY A 374 9.05 -2.36 8.67
N VAL A 375 9.89 -3.39 8.55
CA VAL A 375 9.45 -4.76 8.70
C VAL A 375 10.07 -5.45 9.89
N PHE A 376 9.24 -5.86 10.84
CA PHE A 376 9.71 -6.58 12.03
C PHE A 376 9.26 -8.02 11.81
N THR A 377 10.20 -8.96 11.81
CA THR A 377 9.81 -10.34 11.61
C THR A 377 10.74 -11.32 12.29
N ASN A 378 10.18 -12.44 12.73
CA ASN A 378 10.97 -13.47 13.40
C ASN A 378 11.43 -14.52 12.39
N SER A 379 11.26 -14.22 11.11
CA SER A 379 11.66 -15.12 10.03
C SER A 379 12.45 -14.40 8.94
N SER A 380 13.73 -14.74 8.82
CA SER A 380 14.55 -14.12 7.79
C SER A 380 14.06 -14.55 6.42
N TRP A 381 13.48 -15.74 6.35
CA TRP A 381 12.93 -16.25 5.09
C TRP A 381 11.83 -15.29 4.66
N LEU A 382 10.93 -14.97 5.60
CA LEU A 382 9.83 -14.07 5.31
C LEU A 382 10.34 -12.68 4.99
N TRP A 383 11.33 -12.21 5.75
CA TRP A 383 11.92 -10.90 5.47
C TRP A 383 12.45 -10.86 4.05
N ASN A 384 13.24 -11.87 3.69
N ASN A 384 13.24 -11.87 3.70
CA ASN A 384 13.83 -11.93 2.36
CA ASN A 384 13.82 -11.93 2.36
C ASN A 384 12.78 -11.94 1.25
C ASN A 384 12.78 -11.92 1.26
N LYS A 385 11.68 -12.66 1.47
CA LYS A 385 10.62 -12.72 0.46
C LYS A 385 10.01 -11.33 0.29
N LEU A 386 9.74 -10.66 1.40
CA LEU A 386 9.15 -9.32 1.34
C LEU A 386 10.14 -8.35 0.69
N PHE A 387 11.40 -8.47 1.07
CA PHE A 387 12.45 -7.62 0.52
C PHE A 387 12.56 -7.81 -0.99
N GLU A 388 12.64 -9.05 -1.44
CA GLU A 388 12.76 -9.32 -2.87
C GLU A 388 11.57 -8.77 -3.64
N ALA A 389 10.37 -8.94 -3.09
CA ALA A 389 9.17 -8.44 -3.75
C ALA A 389 9.25 -6.91 -3.85
N SER A 390 9.75 -6.27 -2.80
CA SER A 390 9.85 -4.82 -2.79
C SER A 390 10.81 -4.27 -3.84
N ILE A 391 11.84 -5.04 -4.17
CA ILE A 391 12.81 -4.61 -5.17
C ILE A 391 12.07 -4.45 -6.51
N GLU A 392 11.20 -5.41 -6.80
CA GLU A 392 10.43 -5.40 -8.04
C GLU A 392 9.43 -4.25 -8.08
N THR A 393 8.65 -4.11 -7.01
CA THR A 393 7.63 -3.07 -6.94
C THR A 393 8.17 -1.66 -6.74
N GLY A 394 9.34 -1.55 -6.12
CA GLY A 394 9.92 -0.25 -5.86
C GLY A 394 9.36 0.33 -4.57
N ASP A 395 8.36 -0.34 -3.99
CA ASP A 395 7.75 0.12 -2.74
C ASP A 395 8.53 -0.61 -1.67
N ARG A 396 9.70 -0.06 -1.36
CA ARG A 396 10.67 -0.63 -0.45
C ARG A 396 10.30 -0.93 1.00
N VAL A 397 10.97 -1.95 1.52
CA VAL A 397 10.79 -2.34 2.91
C VAL A 397 12.19 -2.35 3.51
N TRP A 398 12.27 -2.17 4.82
CA TRP A 398 13.54 -2.16 5.50
C TRP A 398 13.32 -2.89 6.80
N ARG A 399 14.19 -3.83 7.11
CA ARG A 399 14.01 -4.60 8.32
C ARG A 399 14.33 -3.82 9.59
N MET A 400 13.54 -4.07 10.62
CA MET A 400 13.72 -3.44 11.91
C MET A 400 13.81 -4.59 12.91
N PRO A 401 14.57 -4.40 14.00
CA PRO A 401 14.78 -5.42 15.03
C PRO A 401 13.68 -5.87 15.98
N LEU A 402 13.57 -7.19 16.13
CA LEU A 402 12.64 -7.80 17.06
C LEU A 402 13.56 -8.38 18.12
N PHE A 403 14.04 -7.54 19.03
CA PHE A 403 14.94 -7.97 20.08
C PHE A 403 14.23 -8.02 21.42
N GLU A 404 14.65 -8.95 22.28
CA GLU A 404 14.07 -9.09 23.62
C GLU A 404 14.35 -7.78 24.36
N HIS A 405 15.38 -7.08 23.91
CA HIS A 405 15.78 -5.79 24.48
C HIS A 405 14.55 -4.89 24.56
N TYR A 406 13.76 -4.88 23.50
CA TYR A 406 12.56 -4.06 23.44
C TYR A 406 11.41 -4.69 24.22
N THR A 407 11.30 -6.02 24.15
CA THR A 407 10.26 -6.74 24.85
C THR A 407 10.31 -6.42 26.35
N ARG A 408 11.52 -6.43 26.89
CA ARG A 408 11.73 -6.16 28.30
C ARG A 408 11.12 -4.82 28.71
N GLN A 409 11.15 -3.86 27.81
CA GLN A 409 10.62 -2.54 28.11
C GLN A 409 9.10 -2.43 28.10
N VAL A 410 8.43 -3.43 27.55
CA VAL A 410 6.97 -3.42 27.53
C VAL A 410 6.38 -4.41 28.53
N ILE A 411 7.15 -5.42 28.91
CA ILE A 411 6.64 -6.38 29.89
C ILE A 411 6.98 -5.90 31.29
N ASP A 412 7.78 -4.85 31.38
CA ASP A 412 8.09 -4.27 32.68
C ASP A 412 6.83 -3.44 32.87
N CYS A 413 5.83 -4.05 33.47
CA CYS A 413 4.54 -3.42 33.65
C CYS A 413 4.06 -3.36 35.11
N GLN A 414 3.63 -2.19 35.54
CA GLN A 414 3.16 -1.99 36.91
C GLN A 414 1.95 -2.84 37.30
N LEU A 415 0.93 -2.87 36.44
CA LEU A 415 -0.31 -3.57 36.75
C LEU A 415 -0.64 -4.86 36.01
N ALA A 416 -0.09 -5.01 34.82
CA ALA A 416 -0.44 -6.18 34.01
C ALA A 416 0.71 -6.93 33.38
N ASP A 417 0.35 -7.86 32.49
CA ASP A 417 1.33 -8.67 31.80
C ASP A 417 2.18 -7.87 30.84
N VAL A 418 1.58 -6.87 30.21
CA VAL A 418 2.30 -6.04 29.26
C VAL A 418 1.72 -4.63 29.23
N ASN A 419 2.60 -3.64 29.10
CA ASN A 419 2.21 -2.23 29.05
C ASN A 419 2.11 -1.85 27.57
N ASN A 420 1.09 -1.07 27.21
CA ASN A 420 0.93 -0.72 25.80
C ASN A 420 1.87 0.39 25.30
N ILE A 421 2.79 0.81 26.17
CA ILE A 421 3.81 1.78 25.79
C ILE A 421 5.08 1.40 26.55
N GLY A 422 6.24 1.57 25.90
CA GLY A 422 7.49 1.22 26.53
C GLY A 422 7.79 2.10 27.73
N LYS A 423 8.69 1.64 28.61
CA LYS A 423 9.02 2.43 29.79
C LYS A 423 9.90 3.62 29.41
N TYR A 424 10.53 3.53 28.24
CA TYR A 424 11.37 4.60 27.74
C TYR A 424 10.72 5.09 26.44
N ARG A 425 11.06 6.30 26.02
CA ARG A 425 10.47 6.86 24.80
C ARG A 425 11.27 6.49 23.55
N SER A 426 12.39 5.82 23.75
CA SER A 426 13.26 5.43 22.63
C SER A 426 12.77 4.19 21.89
N ALA A 427 13.14 4.11 20.61
CA ALA A 427 12.79 2.97 19.76
C ALA A 427 11.31 2.64 19.78
N GLY A 428 10.47 3.68 19.66
CA GLY A 428 9.04 3.50 19.68
C GLY A 428 8.47 2.43 18.76
N ALA A 429 9.01 2.31 17.55
CA ALA A 429 8.50 1.31 16.62
C ALA A 429 8.91 -0.09 17.06
N CYS A 430 10.08 -0.20 17.69
CA CYS A 430 10.59 -1.47 18.16
C CYS A 430 9.85 -2.00 19.38
N THR A 431 9.50 -1.11 20.31
CA THR A 431 8.77 -1.55 21.50
C THR A 431 7.34 -1.86 21.10
N ALA A 432 6.81 -1.12 20.13
CA ALA A 432 5.44 -1.37 19.67
C ALA A 432 5.44 -2.76 19.04
N ALA A 433 6.47 -3.04 18.25
CA ALA A 433 6.59 -4.35 17.61
C ALA A 433 6.75 -5.44 18.67
N ALA A 434 7.52 -5.15 19.71
CA ALA A 434 7.72 -6.11 20.79
C ALA A 434 6.38 -6.41 21.46
N PHE A 435 5.57 -5.38 21.62
CA PHE A 435 4.26 -5.56 22.23
C PHE A 435 3.45 -6.55 21.40
N LEU A 436 3.41 -6.33 20.09
CA LEU A 436 2.66 -7.22 19.20
C LEU A 436 3.17 -8.65 19.32
N LYS A 437 4.49 -8.81 19.38
CA LYS A 437 5.09 -10.14 19.46
C LYS A 437 4.61 -10.92 20.68
N GLU A 438 4.14 -10.23 21.70
CA GLU A 438 3.65 -10.92 22.89
C GLU A 438 2.33 -11.62 22.63
N PHE A 439 1.78 -11.37 21.44
CA PHE A 439 0.51 -11.98 21.06
C PHE A 439 0.71 -12.85 19.82
N VAL A 440 1.96 -13.21 19.57
CA VAL A 440 2.32 -14.04 18.43
C VAL A 440 3.21 -15.20 18.86
N THR A 441 2.86 -16.41 18.44
CA THR A 441 3.67 -17.58 18.76
C THR A 441 4.08 -18.25 17.45
N HIS A 442 3.53 -17.73 16.35
CA HIS A 442 3.79 -18.25 15.02
C HIS A 442 5.26 -18.05 14.59
N PRO A 443 5.86 -19.05 13.94
CA PRO A 443 7.26 -18.99 13.49
C PRO A 443 7.53 -18.12 12.26
N LYS A 444 6.47 -17.69 11.57
CA LYS A 444 6.64 -16.86 10.39
C LYS A 444 5.67 -15.70 10.43
N TRP A 445 6.02 -14.72 11.26
CA TRP A 445 5.22 -13.53 11.45
C TRP A 445 6.00 -12.29 11.06
N ALA A 446 5.35 -11.39 10.33
CA ALA A 446 5.99 -10.15 9.94
C ALA A 446 5.03 -9.01 10.26
N HIS A 447 5.57 -7.98 10.91
CA HIS A 447 4.81 -6.80 11.27
C HIS A 447 5.35 -5.65 10.45
N LEU A 448 4.47 -5.01 9.69
CA LEU A 448 4.86 -3.89 8.85
C LEU A 448 4.34 -2.60 9.44
N ASP A 449 5.23 -1.73 9.90
CA ASP A 449 4.83 -0.46 10.45
C ASP A 449 4.86 0.48 9.25
N ILE A 450 3.69 0.84 8.74
CA ILE A 450 3.61 1.69 7.56
C ILE A 450 3.30 3.16 7.88
N ALA A 451 3.45 3.54 9.14
CA ALA A 451 3.16 4.91 9.53
C ALA A 451 3.96 5.93 8.72
N GLY A 452 5.21 5.60 8.43
CA GLY A 452 6.06 6.50 7.66
C GLY A 452 5.72 6.63 6.20
N VAL A 453 5.10 5.60 5.64
CA VAL A 453 4.72 5.63 4.22
C VAL A 453 3.21 5.82 4.06
N MET A 454 2.57 6.30 5.11
CA MET A 454 1.12 6.53 5.08
C MET A 454 0.76 7.57 4.03
N THR A 455 1.60 8.60 3.91
CA THR A 455 1.33 9.67 2.97
C THR A 455 2.48 9.88 1.99
N ASN A 456 2.20 10.69 0.98
CA ASN A 456 3.20 11.04 0.00
C ASN A 456 3.04 12.52 -0.27
N LYS A 457 4.16 13.21 -0.39
CA LYS A 457 4.16 14.62 -0.72
C LYS A 457 4.68 14.60 -2.15
N ASP A 458 5.96 14.29 -2.30
CA ASP A 458 6.57 14.22 -3.62
C ASP A 458 7.68 13.17 -3.65
N GLU A 459 7.85 12.41 -2.57
CA GLU A 459 8.91 11.40 -2.50
C GLU A 459 8.80 10.35 -3.59
N VAL A 460 7.60 9.79 -3.73
CA VAL A 460 7.37 8.80 -4.77
C VAL A 460 6.79 9.64 -5.90
N PRO A 461 7.56 9.84 -6.97
CA PRO A 461 7.17 10.65 -8.14
C PRO A 461 5.82 10.33 -8.75
N TYR A 462 5.49 9.05 -8.82
CA TYR A 462 4.24 8.63 -9.44
C TYR A 462 3.02 8.60 -8.53
N LEU A 463 3.14 9.24 -7.36
CA LEU A 463 2.01 9.31 -6.44
C LEU A 463 1.77 10.78 -6.14
N ARG A 464 0.57 11.27 -6.41
CA ARG A 464 0.25 12.65 -6.14
C ARG A 464 0.16 12.82 -4.63
N LYS A 465 0.18 14.06 -4.16
CA LYS A 465 0.10 14.33 -2.72
C LYS A 465 -1.15 13.71 -2.11
N GLY A 466 -0.97 13.01 -1.00
CA GLY A 466 -2.10 12.38 -0.34
C GLY A 466 -1.74 11.03 0.22
N MET A 467 -2.74 10.27 0.68
CA MET A 467 -2.48 8.95 1.23
C MET A 467 -1.86 8.11 0.12
N ALA A 468 -0.81 7.38 0.46
CA ALA A 468 -0.05 6.58 -0.51
C ALA A 468 -0.48 5.16 -0.80
N GLY A 469 -1.19 4.52 0.13
CA GLY A 469 -1.61 3.15 -0.10
C GLY A 469 -0.43 2.20 -0.17
N ARG A 470 0.67 2.57 0.47
CA ARG A 470 1.88 1.75 0.49
C ARG A 470 1.87 0.83 1.70
N PRO A 471 2.45 -0.37 1.59
CA PRO A 471 3.11 -0.96 0.41
C PRO A 471 2.25 -2.05 -0.24
N THR A 472 1.02 -1.72 -0.59
CA THR A 472 0.10 -2.67 -1.19
C THR A 472 0.70 -3.53 -2.30
N ARG A 473 1.37 -2.91 -3.28
CA ARG A 473 1.94 -3.67 -4.38
C ARG A 473 3.02 -4.65 -3.93
N THR A 474 3.76 -4.30 -2.89
CA THR A 474 4.80 -5.18 -2.40
C THR A 474 4.15 -6.43 -1.80
N LEU A 475 3.00 -6.24 -1.15
CA LEU A 475 2.28 -7.37 -0.56
C LEU A 475 1.72 -8.25 -1.69
N ILE A 476 1.21 -7.61 -2.74
CA ILE A 476 0.67 -8.35 -3.87
C ILE A 476 1.78 -9.18 -4.51
N GLU A 477 2.92 -8.55 -4.77
CA GLU A 477 4.04 -9.24 -5.40
C GLU A 477 4.46 -10.40 -4.50
N PHE A 478 4.51 -10.15 -3.20
CA PHE A 478 4.88 -11.21 -2.25
C PHE A 478 3.95 -12.41 -2.42
N LEU A 479 2.65 -12.14 -2.46
CA LEU A 479 1.65 -13.20 -2.60
C LEU A 479 1.81 -13.92 -3.93
N PHE A 480 1.99 -13.16 -5.00
CA PHE A 480 2.18 -13.75 -6.32
C PHE A 480 3.34 -14.74 -6.31
N ARG A 481 4.50 -14.27 -5.86
CA ARG A 481 5.69 -15.12 -5.82
C ARG A 481 5.50 -16.30 -4.89
N PHE A 482 4.81 -16.10 -3.78
CA PHE A 482 4.59 -17.18 -2.83
C PHE A 482 3.74 -18.26 -3.49
N SER A 483 2.74 -17.85 -4.27
CA SER A 483 1.87 -18.80 -4.94
C SER A 483 2.63 -19.60 -5.99
N GLN A 484 3.72 -19.02 -6.50
CA GLN A 484 4.54 -19.66 -7.52
C GLN A 484 5.71 -20.42 -6.88
N ASP A 485 6.42 -19.75 -5.99
CA ASP A 485 7.57 -20.33 -5.30
C ASP A 485 7.14 -21.10 -4.06
N SER A 486 7.17 -20.42 -2.92
CA SER A 486 6.80 -21.00 -1.64
C SER A 486 5.49 -21.79 -1.73
ZN ZN B . -3.24 6.35 18.32
ZN ZN C . -3.37 4.71 15.65
NA NA D . -9.89 6.95 5.65
C CO3 E . -0.30 1.95 18.40
O1 CO3 E . -0.54 1.20 19.38
O2 CO3 E . -1.21 2.32 17.57
O3 CO3 E . 0.91 2.35 18.28
CZ1 ZED F . 4.37 6.22 23.83
CZ2 ZED F . 4.24 7.14 22.79
CZ3 ZED F . 4.33 8.53 23.08
CZ4 ZED F . 4.55 8.97 24.40
CZ5 ZED F . 4.70 8.04 25.45
CZ6 ZED F . 4.61 6.65 25.17
CZ7 ZED F . 1.08 8.07 20.27
CZ8 ZED F . 2.08 9.24 20.19
CZ9 ZED F . 1.17 7.26 21.56
CZA ZED F . 2.15 6.14 21.19
CZB ZED F . 1.60 5.74 19.85
CZC ZED F . 1.32 6.79 15.52
CZD ZED F . 0.92 6.21 16.90
CZE ZED F . 0.79 7.30 17.98
CZF ZED F . -0.34 5.35 16.76
OZ1 ZED F . 1.98 10.18 20.99
OZ2 ZED F . 2.96 9.22 19.32
OZ3 ZED F . 0.27 8.39 17.69
NZ1 ZED F . 1.26 7.04 19.22
SZ1 ZED F . 3.92 6.57 21.09
SZ2 ZED F . -1.87 6.23 16.50
C1 MPD G . 12.82 9.41 -12.50
C2 MPD G . 13.63 9.75 -11.27
O2 MPD G . 12.73 10.35 -10.22
CM MPD G . 14.69 10.77 -11.65
C3 MPD G . 14.34 8.44 -10.76
C4 MPD G . 13.81 7.97 -9.46
O4 MPD G . 12.40 7.93 -9.48
C5 MPD G . 14.35 6.55 -9.19
C1 MPD H . 13.68 19.99 -18.01
C2 MPD H . 13.68 20.11 -19.51
O2 MPD H . 13.55 18.75 -20.14
CM MPD H . 15.00 20.73 -19.95
C3 MPD H . 12.50 21.06 -19.94
C4 MPD H . 11.65 20.46 -20.98
O4 MPD H . 11.11 19.24 -20.51
C5 MPD H . 10.48 21.42 -21.30
C1 MPD I . -18.95 13.57 2.40
C2 MPD I . -20.37 13.78 2.88
O2 MPD I . -21.33 13.07 1.95
CM MPD I . -20.68 15.26 2.88
C3 MPD I . -20.50 13.23 4.35
C4 MPD I . -21.21 11.94 4.37
O4 MPD I . -20.41 10.95 3.77
C5 MPD I . -21.50 11.55 5.84
C1 MPD J . -10.32 -22.65 5.96
C2 MPD J . -10.79 -21.22 5.78
O2 MPD J . -10.03 -20.33 6.75
CM MPD J . -12.26 -21.14 6.09
C3 MPD J . -10.55 -20.76 4.31
C4 MPD J . -9.21 -20.18 4.15
O4 MPD J . -8.28 -21.20 3.82
C5 MPD J . -9.25 -19.12 3.03
#